data_5UPK
#
_entry.id   5UPK
#
_cell.length_a   58.465
_cell.length_b   61.621
_cell.length_c   85.791
_cell.angle_alpha   90.00
_cell.angle_beta   91.57
_cell.angle_gamma   90.00
#
_symmetry.space_group_name_H-M   'P 1 21 1'
#
loop_
_entity.id
_entity.type
_entity.pdbx_description
1 polymer 'Serine/threonine-protein kinase PAK 4'
2 polymer 'Serine/threonine-protein kinase PAK 4'
3 polymer 'Cell division control protein 42 homolog'
4 non-polymer 'PHOSPHOAMINOPHOSPHONIC ACID-ADENYLATE ESTER'
5 non-polymer 'PHOSPHOAMINOPHOSPHONIC ACID-GUANYLATE ESTER'
6 non-polymer 'MAGNESIUM ION'
7 water water
#
loop_
_entity_poly.entity_id
_entity_poly.type
_entity_poly.pdbx_seq_one_letter_code
_entity_poly.pdbx_strand_id
1 'polypeptide(L)' SGSMFGKRKKRVEISAPSNFEHRVHTGFDQHEQKFTGLPRQWQSLIEE A
2 'polypeptide(L)'
;MGSSHHHHHHSSGLVPRGSHMENLYFQGARARQENGMPEKPPGPRSPQREPQRVSHEQFRAALQLVVDPGDPRSYLDNFI
KIGEGSTGIVCIATVRSSGKLVAVKKMDLRKQQRRELLFNEVVIMRDYQHENVVEMYNSYLVGDELWVVMEFLEGGALTD
IVTHTRMNEEQIAAVCLAVLQALSVLHAQGVIHRDIKSDSILLTHDGRVKLSDFGFCAQVSKEVPRRK(SEP)LVGTPYW
MAPELISRLPYGPEVDIWSLGIMVIEMVDGEPPYFNEPPLKAMKMIRDNLPPRLKNLHKVSPSLKGFLDRLLVRDPAQRA
TAAELLKHPFLAKAGPPASIVPLMRQNRTR
;
B
3 'polypeptide(L)'
;MQTIKCVVVGDGAVGKTCLLISYTTNKFPSEYVPTVFDNYAVTVMIGGEPYTLGLFDTAGLEDYDRLRPLSYPQTDVFLV
CFSVVSPSSFENVKEKWVPEITHHCPKTPFLLVGTQIDLRDDPSTIEKLAKNKQKPITPETAEKLARDLKAVKYVECSAL
TQRGLKNVFDEAILAALLEHHHHHH
;
C
#
loop_
_chem_comp.id
_chem_comp.type
_chem_comp.name
_chem_comp.formula
ANP non-polymer 'PHOSPHOAMINOPHOSPHONIC ACID-ADENYLATE ESTER' 'C10 H17 N6 O12 P3'
GNP non-polymer 'PHOSPHOAMINOPHOSPHONIC ACID-GUANYLATE ESTER' 'C10 H17 N6 O13 P3'
MG non-polymer 'MAGNESIUM ION' 'Mg 2'
#
# COMPACT_ATOMS: atom_id res chain seq x y z
N LYS A 7 6.97 -14.03 5.23
CA LYS A 7 5.94 -14.99 4.75
C LYS A 7 4.54 -14.43 5.02
N ARG A 8 4.25 -14.24 6.31
CA ARG A 8 3.03 -13.56 6.76
C ARG A 8 3.28 -12.06 6.99
N LYS A 9 4.55 -11.66 7.16
CA LYS A 9 4.91 -10.27 7.35
C LYS A 9 5.39 -9.57 6.05
N LYS A 10 5.14 -10.18 4.88
CA LYS A 10 5.45 -9.54 3.60
C LYS A 10 4.42 -8.45 3.29
N ARG A 11 4.94 -7.26 3.02
CA ARG A 11 4.15 -6.04 2.77
C ARG A 11 4.09 -5.78 1.26
N VAL A 12 3.39 -4.72 0.87
CA VAL A 12 3.35 -4.27 -0.53
C VAL A 12 3.94 -2.86 -0.59
N GLU A 13 5.23 -2.78 -0.22
CA GLU A 13 6.00 -1.55 -0.39
C GLU A 13 6.53 -1.67 -1.80
N ILE A 14 6.30 -0.64 -2.63
CA ILE A 14 6.93 -0.56 -3.95
C ILE A 14 8.05 0.46 -3.85
N SER A 15 9.29 -0.01 -3.97
CA SER A 15 10.45 0.86 -3.84
C SER A 15 10.60 1.80 -5.03
N ALA A 16 11.45 2.81 -4.87
CA ALA A 16 11.92 3.60 -6.02
C ALA A 16 12.61 2.65 -7.02
N PRO A 17 12.64 3.03 -8.31
CA PRO A 17 13.36 2.20 -9.27
C PRO A 17 14.86 2.26 -9.06
N SER A 18 15.56 1.23 -9.54
CA SER A 18 17.01 1.21 -9.64
C SER A 18 17.39 0.43 -10.89
N ASN A 19 18.67 0.44 -11.24
CA ASN A 19 19.18 -0.40 -12.33
C ASN A 19 18.60 -0.02 -13.70
N PHE A 20 18.83 1.22 -14.11
CA PHE A 20 18.42 1.65 -15.44
C PHE A 20 19.15 0.86 -16.52
N GLU A 21 18.43 0.57 -17.58
CA GLU A 21 18.90 -0.29 -18.64
C GLU A 21 18.16 0.12 -19.92
N HIS A 22 18.85 0.76 -20.85
CA HIS A 22 18.26 1.15 -22.14
C HIS A 22 18.57 0.04 -23.12
N ARG A 23 17.64 -0.91 -23.25
CA ARG A 23 17.86 -2.15 -24.01
C ARG A 23 17.72 -1.98 -25.52
N VAL A 24 16.81 -1.10 -25.96
CA VAL A 24 16.49 -0.92 -27.39
C VAL A 24 16.28 0.55 -27.73
N HIS A 25 16.94 1.03 -28.79
CA HIS A 25 16.60 2.33 -29.39
C HIS A 25 16.43 2.18 -30.88
N THR A 26 15.18 2.18 -31.32
CA THR A 26 14.82 2.14 -32.74
C THR A 26 14.83 3.58 -33.27
N GLY A 27 15.39 3.76 -34.47
CA GLY A 27 15.40 5.04 -35.19
C GLY A 27 14.90 4.90 -36.62
N PHE A 28 14.82 6.03 -37.33
CA PHE A 28 14.28 6.06 -38.70
C PHE A 28 15.25 6.78 -39.64
N ASP A 29 15.79 6.05 -40.61
CA ASP A 29 16.66 6.63 -41.66
C ASP A 29 15.88 7.63 -42.52
N GLN A 30 16.38 8.86 -42.58
CA GLN A 30 15.81 9.90 -43.42
C GLN A 30 16.02 9.56 -44.89
N HIS A 31 17.25 9.11 -45.22
CA HIS A 31 17.62 8.77 -46.60
C HIS A 31 16.87 7.55 -47.16
N GLU A 32 17.08 6.39 -46.54
CA GLU A 32 16.63 5.10 -47.12
C GLU A 32 15.22 4.63 -46.76
N GLN A 33 14.44 5.46 -46.05
CA GLN A 33 13.09 5.08 -45.59
C GLN A 33 13.09 3.72 -44.85
N LYS A 34 14.03 3.59 -43.93
CA LYS A 34 14.30 2.31 -43.26
C LYS A 34 14.41 2.50 -41.75
N PHE A 35 14.19 1.41 -41.02
CA PHE A 35 14.36 1.42 -39.58
C PHE A 35 15.76 0.96 -39.22
N THR A 36 16.33 1.59 -38.19
CA THR A 36 17.61 1.21 -37.62
C THR A 36 17.37 0.90 -36.15
N GLY A 37 17.96 -0.20 -35.67
CA GLY A 37 17.80 -0.62 -34.28
C GLY A 37 16.44 -1.23 -33.98
N LEU A 38 15.94 -2.07 -34.90
CA LEU A 38 14.75 -2.88 -34.64
C LEU A 38 15.11 -4.03 -33.71
N PRO A 39 14.13 -4.54 -32.94
CA PRO A 39 14.27 -5.89 -32.38
C PRO A 39 14.27 -6.92 -33.50
N ARG A 40 15.29 -7.79 -33.53
CA ARG A 40 15.46 -8.81 -34.61
C ARG A 40 14.26 -9.75 -34.78
N GLN A 41 13.46 -9.90 -33.72
CA GLN A 41 12.17 -10.60 -33.79
C GLN A 41 11.22 -9.96 -34.80
N TRP A 42 11.11 -8.63 -34.75
CA TRP A 42 10.18 -7.88 -35.61
C TRP A 42 10.62 -7.78 -37.07
N GLN A 43 11.94 -7.82 -37.33
CA GLN A 43 12.50 -7.53 -38.67
C GLN A 43 11.89 -8.37 -39.81
N SER A 44 11.54 -9.62 -39.52
CA SER A 44 10.84 -10.48 -40.48
C SER A 44 9.44 -9.96 -40.83
N LEU A 45 8.74 -9.44 -39.82
CA LEU A 45 7.31 -9.08 -39.96
C LEU A 45 7.11 -7.89 -40.88
N ILE A 46 7.81 -6.78 -40.61
CA ILE A 46 7.74 -5.58 -41.45
C ILE A 46 8.91 -4.64 -41.20
N SER B 55 16.30 15.26 0.93
CA SER B 55 15.15 15.14 1.87
C SER B 55 15.44 14.38 3.18
N HIS B 56 16.55 13.65 3.26
CA HIS B 56 16.85 12.86 4.47
C HIS B 56 17.05 13.74 5.69
N GLU B 57 17.88 14.76 5.55
CA GLU B 57 18.17 15.65 6.66
C GLU B 57 16.94 16.40 7.14
N GLN B 58 16.15 16.91 6.21
CA GLN B 58 14.94 17.64 6.60
C GLN B 58 14.05 16.76 7.48
N PHE B 59 13.91 15.48 7.11
CA PHE B 59 13.14 14.55 7.91
C PHE B 59 13.79 14.27 9.26
N ARG B 60 15.10 14.09 9.26
CA ARG B 60 15.82 13.84 10.49
C ARG B 60 15.67 14.99 11.48
N ALA B 61 15.73 16.23 10.98
CA ALA B 61 15.54 17.43 11.80
C ALA B 61 14.11 17.57 12.27
N ALA B 62 13.16 17.29 11.38
CA ALA B 62 11.76 17.21 11.78
C ALA B 62 11.58 16.27 12.97
N LEU B 63 12.12 15.05 12.85
CA LEU B 63 12.01 14.04 13.92
C LEU B 63 12.70 14.45 15.21
N GLN B 64 13.87 15.07 15.07
CA GLN B 64 14.61 15.59 16.22
C GLN B 64 13.74 16.46 17.14
N LEU B 65 12.97 17.37 16.56
CA LEU B 65 12.13 18.28 17.32
C LEU B 65 10.91 17.62 17.98
N VAL B 66 10.52 16.44 17.51
CA VAL B 66 9.33 15.74 17.97
C VAL B 66 9.64 14.70 19.06
N VAL B 67 10.85 14.13 19.05
CA VAL B 67 11.25 13.13 20.06
C VAL B 67 11.63 13.80 21.39
N ASP B 68 11.89 12.98 22.40
CA ASP B 68 12.45 13.46 23.66
C ASP B 68 13.95 13.62 23.43
N PRO B 69 14.60 14.57 24.13
CA PRO B 69 16.02 14.77 23.90
C PRO B 69 16.88 13.68 24.54
N GLY B 70 18.02 13.40 23.91
CA GLY B 70 19.05 12.56 24.50
C GLY B 70 19.11 11.16 23.93
N ASP B 71 19.77 10.29 24.68
CA ASP B 71 20.14 8.96 24.25
C ASP B 71 19.82 7.97 25.37
N PRO B 72 18.84 7.07 25.15
CA PRO B 72 18.42 6.17 26.24
C PRO B 72 19.47 5.13 26.67
N ARG B 73 20.53 4.95 25.88
CA ARG B 73 21.68 4.14 26.32
C ARG B 73 22.25 4.66 27.63
N SER B 74 22.08 5.96 27.90
CA SER B 74 22.45 6.56 29.18
C SER B 74 21.72 6.01 30.42
N TYR B 75 20.52 5.43 30.28
CA TYR B 75 19.85 4.73 31.41
C TYR B 75 19.37 3.28 31.14
N LEU B 76 19.66 2.75 29.95
CA LEU B 76 19.28 1.36 29.61
C LEU B 76 20.50 0.50 29.33
N ASP B 77 20.46 -0.77 29.74
CA ASP B 77 21.49 -1.76 29.45
C ASP B 77 20.93 -3.00 28.76
N ASN B 78 21.83 -3.83 28.22
CA ASN B 78 21.53 -5.16 27.69
C ASN B 78 20.45 -5.14 26.60
N PHE B 79 20.81 -4.54 25.47
CA PHE B 79 19.95 -4.46 24.32
C PHE B 79 20.09 -5.76 23.53
N ILE B 80 19.07 -6.61 23.62
CA ILE B 80 19.04 -7.88 22.93
C ILE B 80 17.84 -7.91 21.98
N LYS B 81 18.11 -8.27 20.73
CA LYS B 81 17.09 -8.42 19.70
C LYS B 81 16.05 -9.48 20.07
N ILE B 82 14.78 -9.06 20.09
CA ILE B 82 13.61 -9.90 20.38
C ILE B 82 12.86 -10.26 19.09
N GLY B 83 12.75 -9.33 18.16
CA GLY B 83 12.18 -9.64 16.84
C GLY B 83 12.51 -8.64 15.77
N GLU B 84 12.04 -8.94 14.56
CA GLU B 84 12.10 -8.04 13.41
C GLU B 84 10.69 -7.66 12.99
N GLY B 85 10.58 -6.51 12.32
CA GLY B 85 9.34 -6.02 11.71
C GLY B 85 9.65 -5.43 10.34
N SER B 86 8.65 -4.83 9.70
CA SER B 86 8.86 -4.16 8.41
C SER B 86 9.64 -2.86 8.58
N THR B 87 9.32 -2.09 9.62
CA THR B 87 9.97 -0.80 9.89
C THR B 87 11.27 -0.95 10.66
N GLY B 88 11.42 -2.03 11.41
CA GLY B 88 12.69 -2.34 12.05
C GLY B 88 12.58 -3.37 13.15
N ILE B 89 13.56 -3.36 14.06
CA ILE B 89 13.76 -4.43 15.04
C ILE B 89 13.28 -4.00 16.44
N VAL B 90 12.87 -4.98 17.24
CA VAL B 90 12.48 -4.76 18.62
C VAL B 90 13.50 -5.43 19.51
N CYS B 91 14.01 -4.69 20.51
CA CYS B 91 14.92 -5.24 21.50
C CYS B 91 14.27 -5.18 22.87
N ILE B 92 14.73 -6.05 23.76
CA ILE B 92 14.48 -5.87 25.17
C ILE B 92 15.67 -5.11 25.75
N ALA B 93 15.42 -4.32 26.78
CA ALA B 93 16.48 -3.65 27.52
C ALA B 93 16.10 -3.57 28.97
N THR B 94 17.10 -3.28 29.80
CA THR B 94 16.94 -3.21 31.25
C THR B 94 17.18 -1.77 31.68
N VAL B 95 16.36 -1.26 32.60
CA VAL B 95 16.60 0.04 33.23
C VAL B 95 17.67 -0.18 34.31
N ARG B 96 18.81 0.52 34.20
CA ARG B 96 19.98 0.33 35.09
C ARG B 96 19.67 0.45 36.58
N SER B 97 18.93 1.50 36.94
CA SER B 97 18.67 1.82 38.35
C SER B 97 17.75 0.81 39.06
N SER B 98 16.72 0.34 38.36
CA SER B 98 15.64 -0.48 38.93
C SER B 98 15.64 -1.96 38.51
N GLY B 99 16.23 -2.28 37.36
CA GLY B 99 16.16 -3.62 36.80
C GLY B 99 14.86 -3.92 36.03
N LYS B 100 14.04 -2.89 35.76
CA LYS B 100 12.78 -3.09 35.02
C LYS B 100 13.04 -3.25 33.55
N LEU B 101 12.42 -4.27 32.96
CA LEU B 101 12.56 -4.54 31.55
C LEU B 101 11.63 -3.61 30.76
N VAL B 102 12.14 -3.14 29.63
CA VAL B 102 11.35 -2.40 28.66
C VAL B 102 11.61 -2.98 27.28
N ALA B 103 10.73 -2.62 26.34
CA ALA B 103 10.89 -2.95 24.93
C ALA B 103 11.36 -1.72 24.20
N VAL B 104 12.24 -1.89 23.23
CA VAL B 104 12.73 -0.77 22.46
C VAL B 104 12.62 -1.08 20.98
N LYS B 105 11.84 -0.27 20.27
CA LYS B 105 11.67 -0.45 18.83
C LYS B 105 12.62 0.51 18.11
N LYS B 106 13.44 -0.03 17.21
CA LYS B 106 14.47 0.72 16.53
C LYS B 106 14.20 0.69 15.04
N MET B 107 14.07 1.88 14.46
CA MET B 107 13.64 2.04 13.08
C MET B 107 14.60 2.96 12.36
N ASP B 108 15.32 2.45 11.36
CA ASP B 108 16.28 3.24 10.60
C ASP B 108 15.52 4.14 9.63
N LEU B 109 15.80 5.44 9.70
CA LEU B 109 15.13 6.43 8.84
C LEU B 109 15.40 6.21 7.34
N ARG B 110 16.58 5.70 7.02
CA ARG B 110 16.99 5.47 5.63
C ARG B 110 16.30 4.25 5.00
N LYS B 111 15.77 3.33 5.82
CA LYS B 111 15.22 2.05 5.35
C LYS B 111 13.68 1.96 5.40
N GLN B 112 13.00 3.09 5.36
CA GLN B 112 11.54 3.14 5.31
C GLN B 112 11.13 3.57 3.92
N GLN B 113 10.12 2.94 3.34
CA GLN B 113 9.62 3.38 2.04
C GLN B 113 8.80 4.67 2.13
N ARG B 114 8.16 4.90 3.28
CA ARG B 114 7.48 6.16 3.55
C ARG B 114 7.86 6.66 4.93
N ARG B 115 8.89 7.50 4.97
CA ARG B 115 9.42 8.05 6.23
C ARG B 115 8.38 8.74 7.10
N GLU B 116 7.42 9.41 6.48
CA GLU B 116 6.36 10.14 7.20
C GLU B 116 5.55 9.26 8.16
N LEU B 117 5.41 7.98 7.83
CA LEU B 117 4.77 7.01 8.71
C LEU B 117 5.46 6.84 10.08
N LEU B 118 6.74 7.16 10.17
CA LEU B 118 7.44 7.14 11.46
C LEU B 118 6.90 8.15 12.46
N PHE B 119 6.25 9.23 12.00
CA PHE B 119 5.60 10.13 12.94
C PHE B 119 4.53 9.45 13.80
N ASN B 120 3.79 8.50 13.21
CA ASN B 120 2.76 7.75 13.93
C ASN B 120 3.31 6.97 15.12
N GLU B 121 4.53 6.47 14.98
CA GLU B 121 5.18 5.61 16.00
C GLU B 121 5.37 6.36 17.30
N VAL B 122 5.44 7.70 17.22
CA VAL B 122 5.54 8.55 18.39
C VAL B 122 4.14 8.99 18.79
N VAL B 123 3.51 9.77 17.90
CA VAL B 123 2.26 10.51 18.17
C VAL B 123 1.11 9.65 18.72
N ILE B 124 0.96 8.41 18.27
CA ILE B 124 -0.25 7.63 18.60
C ILE B 124 -0.27 7.16 20.06
N MET B 125 0.70 6.34 20.46
CA MET B 125 0.81 5.93 21.88
C MET B 125 0.93 7.13 22.84
N ARG B 126 1.54 8.22 22.36
CA ARG B 126 1.61 9.49 23.11
C ARG B 126 0.24 10.11 23.40
N ASP B 127 -0.59 10.25 22.35
CA ASP B 127 -1.88 10.97 22.43
C ASP B 127 -3.14 10.08 22.54
N TYR B 128 -2.96 8.76 22.63
CA TYR B 128 -4.08 7.82 22.73
C TYR B 128 -3.78 6.74 23.76
N GLN B 129 -3.48 7.17 24.99
CA GLN B 129 -3.24 6.26 26.11
C GLN B 129 -4.56 5.62 26.51
N HIS B 130 -4.55 4.31 26.73
CA HIS B 130 -5.78 3.54 26.94
C HIS B 130 -5.37 2.16 27.47
N GLU B 131 -6.21 1.54 28.30
CA GLU B 131 -5.91 0.20 28.87
C GLU B 131 -5.49 -0.80 27.79
N ASN B 132 -6.23 -0.80 26.67
CA ASN B 132 -5.97 -1.68 25.53
C ASN B 132 -4.99 -1.13 24.47
N VAL B 133 -4.21 -0.10 24.79
CA VAL B 133 -3.11 0.35 23.91
C VAL B 133 -1.77 0.21 24.65
N VAL B 134 -0.72 -0.21 23.93
CA VAL B 134 0.63 -0.37 24.48
C VAL B 134 1.16 0.96 25.00
N GLU B 135 1.60 0.99 26.26
CA GLU B 135 2.18 2.21 26.84
C GLU B 135 3.51 2.53 26.18
N MET B 136 3.67 3.78 25.75
CA MET B 136 4.92 4.30 25.20
C MET B 136 5.46 5.26 26.23
N TYR B 137 6.70 5.05 26.67
CA TYR B 137 7.30 5.90 27.69
C TYR B 137 7.98 7.10 27.04
N ASN B 138 8.90 6.83 26.12
CA ASN B 138 9.70 7.88 25.46
C ASN B 138 10.10 7.47 24.06
N SER B 139 10.48 8.46 23.26
CA SER B 139 11.11 8.23 21.96
C SER B 139 12.35 9.09 21.82
N TYR B 140 13.24 8.69 20.93
CA TYR B 140 14.55 9.32 20.80
C TYR B 140 15.06 9.17 19.40
N LEU B 141 15.98 10.07 19.05
CA LEU B 141 16.72 9.98 17.82
C LEU B 141 18.15 9.62 18.15
N VAL B 142 18.53 8.38 17.84
CA VAL B 142 19.87 7.88 18.01
C VAL B 142 20.48 7.60 16.64
N GLY B 143 21.48 8.40 16.25
CA GLY B 143 22.08 8.26 14.93
C GLY B 143 21.04 8.47 13.83
N ASP B 144 20.91 7.49 12.93
CA ASP B 144 19.88 7.55 11.87
C ASP B 144 18.65 6.70 12.22
N GLU B 145 18.36 6.53 13.51
CA GLU B 145 17.29 5.64 13.96
C GLU B 145 16.30 6.32 14.91
N LEU B 146 15.03 5.99 14.74
CA LEU B 146 14.00 6.33 15.70
C LEU B 146 13.94 5.18 16.68
N TRP B 147 14.14 5.46 17.97
CA TRP B 147 14.00 4.46 19.00
C TRP B 147 12.79 4.82 19.82
N VAL B 148 11.89 3.87 20.03
CA VAL B 148 10.71 4.10 20.87
C VAL B 148 10.80 3.10 22.02
N VAL B 149 10.83 3.63 23.24
CA VAL B 149 10.84 2.80 24.43
C VAL B 149 9.41 2.65 24.91
N MET B 150 8.99 1.42 25.16
CA MET B 150 7.63 1.13 25.57
C MET B 150 7.60 -0.03 26.55
N GLU B 151 6.42 -0.30 27.11
CA GLU B 151 6.27 -1.40 28.07
C GLU B 151 6.57 -2.72 27.39
N PHE B 152 7.21 -3.63 28.12
CA PHE B 152 7.47 -4.95 27.59
C PHE B 152 6.25 -5.78 27.93
N LEU B 153 5.61 -6.33 26.91
CA LEU B 153 4.45 -7.19 27.10
C LEU B 153 4.86 -8.67 27.01
N GLU B 154 4.78 -9.30 28.17
CA GLU B 154 5.44 -10.57 28.45
C GLU B 154 4.65 -11.77 27.91
N GLY B 155 3.35 -11.58 27.67
CA GLY B 155 2.52 -12.60 27.06
C GLY B 155 2.79 -12.86 25.58
N GLY B 156 3.48 -11.95 24.90
CA GLY B 156 3.77 -12.10 23.48
C GLY B 156 2.58 -11.74 22.58
N ALA B 157 2.73 -12.02 21.29
CA ALA B 157 1.71 -11.72 20.31
C ALA B 157 0.66 -12.82 20.28
N LEU B 158 -0.56 -12.43 19.91
CA LEU B 158 -1.65 -13.37 19.70
C LEU B 158 -1.30 -14.41 18.63
N THR B 159 -0.48 -14.04 17.66
CA THR B 159 -0.03 -14.96 16.62
C THR B 159 0.50 -16.27 17.16
N ASP B 160 1.38 -16.18 18.16
CA ASP B 160 1.99 -17.37 18.77
C ASP B 160 0.94 -18.37 19.26
N ILE B 161 -0.15 -17.84 19.81
CA ILE B 161 -1.26 -18.65 20.28
C ILE B 161 -2.02 -19.34 19.14
N VAL B 162 -2.43 -18.57 18.12
CA VAL B 162 -3.33 -19.11 17.08
C VAL B 162 -2.65 -20.04 16.07
N THR B 163 -1.31 -19.99 15.98
CA THR B 163 -0.54 -20.94 15.18
C THR B 163 -0.23 -22.25 15.91
N HIS B 164 -0.25 -22.25 17.25
CA HIS B 164 0.08 -23.44 18.07
C HIS B 164 -1.10 -24.04 18.85
N THR B 165 -2.26 -23.39 18.84
CA THR B 165 -3.41 -23.82 19.65
C THR B 165 -4.72 -23.43 18.98
N ARG B 166 -5.81 -24.07 19.41
CA ARG B 166 -7.17 -23.62 19.12
C ARG B 166 -7.75 -22.98 20.38
N MET B 167 -8.24 -21.74 20.23
CA MET B 167 -8.88 -21.00 21.31
C MET B 167 -10.35 -21.38 21.28
N ASN B 168 -11.00 -21.35 22.44
CA ASN B 168 -12.45 -21.50 22.52
C ASN B 168 -13.13 -20.16 22.32
N GLU B 169 -14.45 -20.15 22.25
CA GLU B 169 -15.22 -18.92 22.02
C GLU B 169 -15.15 -17.86 23.13
N GLU B 170 -15.00 -18.29 24.39
CA GLU B 170 -14.90 -17.35 25.52
C GLU B 170 -13.60 -16.54 25.46
N GLN B 171 -12.54 -17.19 24.98
CA GLN B 171 -11.25 -16.54 24.80
C GLN B 171 -11.27 -15.61 23.58
N ILE B 172 -11.88 -16.09 22.49
CA ILE B 172 -12.05 -15.32 21.26
C ILE B 172 -12.86 -14.05 21.52
N ALA B 173 -13.95 -14.18 22.27
CA ALA B 173 -14.77 -13.03 22.63
C ALA B 173 -14.03 -12.02 23.52
N ALA B 174 -13.17 -12.52 24.39
CA ALA B 174 -12.36 -11.67 25.28
C ALA B 174 -11.38 -10.83 24.48
N VAL B 175 -10.75 -11.45 23.49
CA VAL B 175 -9.79 -10.77 22.63
C VAL B 175 -10.50 -9.74 21.77
N CYS B 176 -11.53 -10.19 21.06
CA CYS B 176 -12.37 -9.30 20.25
C CYS B 176 -12.91 -8.10 21.01
N LEU B 177 -13.38 -8.33 22.24
CA LEU B 177 -13.89 -7.26 23.10
C LEU B 177 -12.84 -6.18 23.37
N ALA B 178 -11.63 -6.61 23.77
CA ALA B 178 -10.52 -5.69 24.02
C ALA B 178 -10.08 -4.88 22.80
N VAL B 179 -10.00 -5.53 21.65
CA VAL B 179 -9.61 -4.85 20.43
C VAL B 179 -10.67 -3.82 20.03
N LEU B 180 -11.95 -4.17 20.17
CA LEU B 180 -13.06 -3.27 19.82
C LEU B 180 -13.17 -2.08 20.77
N GLN B 181 -12.88 -2.32 22.03
CA GLN B 181 -12.78 -1.23 23.01
C GLN B 181 -11.72 -0.22 22.59
N ALA B 182 -10.58 -0.71 22.14
CA ALA B 182 -9.50 0.14 21.65
C ALA B 182 -9.92 0.81 20.35
N LEU B 183 -10.34 0.02 19.37
CA LEU B 183 -10.74 0.57 18.08
C LEU B 183 -11.84 1.63 18.16
N SER B 184 -12.82 1.43 19.03
CA SER B 184 -13.93 2.40 19.19
C SER B 184 -13.44 3.77 19.66
N VAL B 185 -12.46 3.74 20.58
CA VAL B 185 -11.82 4.95 21.07
C VAL B 185 -10.98 5.60 19.96
N LEU B 186 -10.15 4.83 19.28
CA LEU B 186 -9.39 5.37 18.13
C LEU B 186 -10.29 5.91 17.01
N HIS B 187 -11.26 5.12 16.56
CA HIS B 187 -12.21 5.53 15.50
C HIS B 187 -13.02 6.77 15.83
N ALA B 188 -13.40 6.94 17.10
CA ALA B 188 -14.13 8.16 17.50
C ALA B 188 -13.30 9.42 17.28
N GLN B 189 -11.98 9.30 17.29
CA GLN B 189 -11.09 10.42 16.97
C GLN B 189 -10.59 10.40 15.53
N GLY B 190 -11.12 9.51 14.71
CA GLY B 190 -10.76 9.43 13.32
C GLY B 190 -9.41 8.77 13.07
N VAL B 191 -8.86 8.06 14.05
CA VAL B 191 -7.65 7.29 13.82
C VAL B 191 -8.01 5.89 13.29
N ILE B 192 -7.48 5.56 12.12
CA ILE B 192 -7.59 4.22 11.54
C ILE B 192 -6.26 3.51 11.73
N HIS B 193 -6.27 2.34 12.36
CA HIS B 193 -5.05 1.57 12.62
C HIS B 193 -4.37 1.08 11.35
N ARG B 194 -5.17 0.46 10.47
CA ARG B 194 -4.73 -0.06 9.15
C ARG B 194 -3.84 -1.27 9.12
N ASP B 195 -3.67 -1.94 10.24
CA ASP B 195 -2.84 -3.12 10.29
C ASP B 195 -3.22 -4.05 11.44
N ILE B 196 -4.52 -4.28 11.54
CA ILE B 196 -5.06 -5.17 12.55
C ILE B 196 -4.84 -6.59 12.01
N LYS B 197 -4.19 -7.39 12.83
CA LYS B 197 -4.02 -8.83 12.64
C LYS B 197 -3.52 -9.39 13.96
N SER B 198 -3.40 -10.71 14.04
CA SER B 198 -2.94 -11.36 15.29
C SER B 198 -1.58 -10.83 15.76
N ASP B 199 -0.68 -10.53 14.83
CA ASP B 199 0.68 -10.03 15.15
C ASP B 199 0.69 -8.69 15.88
N SER B 200 -0.33 -7.87 15.64
CA SER B 200 -0.46 -6.53 16.24
C SER B 200 -1.13 -6.50 17.61
N ILE B 201 -1.54 -7.66 18.12
CA ILE B 201 -2.20 -7.77 19.40
C ILE B 201 -1.22 -8.43 20.36
N LEU B 202 -0.90 -7.73 21.45
CA LEU B 202 0.03 -8.24 22.44
C LEU B 202 -0.70 -8.49 23.75
N LEU B 203 -0.14 -9.40 24.56
CA LEU B 203 -0.74 -9.83 25.81
C LEU B 203 0.18 -9.57 27.00
N THR B 204 -0.41 -9.22 28.13
CA THR B 204 0.31 -9.13 29.39
C THR B 204 0.46 -10.53 30.00
N HIS B 205 1.15 -10.64 31.12
CA HIS B 205 1.31 -11.91 31.89
C HIS B 205 -0.04 -12.48 32.30
N ASP B 206 -0.94 -11.60 32.73
CA ASP B 206 -2.26 -11.98 33.26
C ASP B 206 -3.36 -12.06 32.20
N GLY B 207 -3.02 -11.84 30.93
CA GLY B 207 -3.93 -12.06 29.81
C GLY B 207 -4.65 -10.85 29.24
N ARG B 208 -4.33 -9.65 29.74
CA ARG B 208 -4.93 -8.42 29.22
C ARG B 208 -4.38 -8.11 27.84
N VAL B 209 -5.24 -7.61 26.97
CA VAL B 209 -4.97 -7.54 25.55
C VAL B 209 -4.70 -6.09 25.21
N LYS B 210 -3.62 -5.85 24.47
CA LYS B 210 -3.24 -4.51 24.06
C LYS B 210 -2.94 -4.48 22.58
N LEU B 211 -3.31 -3.37 21.96
CA LEU B 211 -3.12 -3.15 20.55
C LEU B 211 -1.80 -2.43 20.37
N SER B 212 -1.00 -2.88 19.39
CA SER B 212 0.32 -2.29 19.12
C SER B 212 0.47 -2.04 17.61
N ASP B 213 1.70 -1.72 17.17
CA ASP B 213 2.06 -1.58 15.75
C ASP B 213 1.25 -0.45 15.09
N PHE B 214 1.42 0.77 15.59
CA PHE B 214 0.69 1.91 15.06
C PHE B 214 1.36 2.60 13.89
N GLY B 215 2.44 2.02 13.37
CA GLY B 215 3.22 2.62 12.30
C GLY B 215 2.48 3.00 11.03
N PHE B 216 1.39 2.28 10.74
CA PHE B 216 0.64 2.45 9.48
C PHE B 216 -0.65 3.26 9.61
N CYS B 217 -0.85 3.89 10.77
CA CYS B 217 -2.02 4.71 11.06
C CYS B 217 -2.24 5.90 10.13
N ALA B 218 -3.47 6.40 10.17
CA ALA B 218 -3.87 7.57 9.42
C ALA B 218 -4.98 8.24 10.16
N GLN B 219 -5.19 9.52 9.87
CA GLN B 219 -6.19 10.35 10.52
C GLN B 219 -7.26 10.75 9.48
N VAL B 220 -8.53 10.64 9.88
CA VAL B 220 -9.66 11.18 9.10
C VAL B 220 -10.39 12.23 9.92
N SER B 221 -11.14 13.06 9.21
CA SER B 221 -11.82 14.21 9.80
C SER B 221 -12.83 14.74 8.79
N LYS B 222 -13.55 15.80 9.16
CA LYS B 222 -14.48 16.44 8.23
C LYS B 222 -13.78 16.95 6.97
N GLU B 223 -12.55 17.40 7.13
CA GLU B 223 -11.76 17.94 6.03
C GLU B 223 -11.15 16.85 5.14
N VAL B 224 -10.85 15.67 5.72
CA VAL B 224 -10.35 14.51 4.96
C VAL B 224 -11.03 13.23 5.45
N PRO B 225 -12.25 12.96 4.96
CA PRO B 225 -13.04 11.84 5.51
C PRO B 225 -12.57 10.44 5.10
N ARG B 226 -11.84 10.33 3.99
CA ARG B 226 -11.30 9.07 3.49
C ARG B 226 -9.80 9.13 3.30
N ARG B 227 -9.18 7.96 3.41
CA ARG B 227 -7.79 7.75 3.03
C ARG B 227 -7.76 6.94 1.74
N LYS B 228 -6.66 7.07 0.97
CA LYS B 228 -6.47 6.33 -0.28
C LYS B 228 -5.31 5.32 -0.26
N SEP B 229 -4.48 5.33 0.77
CA SEP B 229 -3.17 4.65 0.71
CB SEP B 229 -2.29 5.12 1.83
OG SEP B 229 -2.12 6.53 1.68
C SEP B 229 -3.28 3.15 0.77
O SEP B 229 -4.05 2.61 1.56
P SEP B 229 -2.40 7.52 2.90
O1P SEP B 229 -1.44 7.05 3.95
O2P SEP B 229 -3.84 7.34 3.29
O3P SEP B 229 -2.18 8.87 2.28
N LEU B 230 -2.48 2.47 -0.06
CA LEU B 230 -2.40 1.02 0.00
C LEU B 230 -1.49 0.68 1.15
N VAL B 231 -2.10 0.36 2.28
CA VAL B 231 -1.37 0.13 3.51
C VAL B 231 -1.94 -1.13 4.14
N GLY B 232 -1.09 -1.86 4.86
CA GLY B 232 -1.48 -3.05 5.58
C GLY B 232 -0.72 -4.29 5.13
N THR B 233 -1.26 -5.45 5.50
CA THR B 233 -0.64 -6.74 5.24
C THR B 233 -1.62 -7.50 4.37
N PRO B 234 -1.21 -7.93 3.17
CA PRO B 234 -2.05 -8.47 2.11
C PRO B 234 -3.29 -9.26 2.56
N TYR B 235 -3.08 -10.30 3.36
CA TYR B 235 -4.15 -11.25 3.68
C TYR B 235 -5.23 -10.66 4.60
N TRP B 236 -4.89 -9.56 5.28
CA TRP B 236 -5.81 -8.88 6.18
C TRP B 236 -6.45 -7.62 5.58
N MET B 237 -6.10 -7.26 4.36
CA MET B 237 -6.55 -6.00 3.75
C MET B 237 -8.00 -6.07 3.30
N ALA B 238 -8.73 -5.00 3.57
CA ALA B 238 -10.13 -4.88 3.16
C ALA B 238 -10.26 -4.78 1.65
N PRO B 239 -11.34 -5.32 1.11
CA PRO B 239 -11.51 -5.31 -0.33
C PRO B 239 -11.57 -3.91 -0.96
N GLU B 240 -12.23 -2.95 -0.32
CA GLU B 240 -12.25 -1.56 -0.85
C GLU B 240 -10.87 -0.91 -0.90
N LEU B 241 -10.03 -1.23 0.08
CA LEU B 241 -8.65 -0.75 0.11
C LEU B 241 -7.86 -1.34 -1.07
N ILE B 242 -8.04 -2.63 -1.34
CA ILE B 242 -7.35 -3.30 -2.46
C ILE B 242 -7.86 -2.80 -3.82
N SER B 243 -9.16 -2.52 -3.90
CA SER B 243 -9.76 -1.93 -5.11
C SER B 243 -9.31 -0.49 -5.37
N ARG B 244 -8.61 0.13 -4.42
CA ARG B 244 -8.10 1.49 -4.54
C ARG B 244 -9.24 2.53 -4.52
N LEU B 245 -10.30 2.22 -3.78
CA LEU B 245 -11.36 3.17 -3.51
C LEU B 245 -10.99 3.96 -2.26
N PRO B 246 -11.57 5.16 -2.07
CA PRO B 246 -11.40 5.83 -0.77
C PRO B 246 -12.04 5.00 0.34
N TYR B 247 -11.39 4.92 1.49
CA TYR B 247 -11.88 4.09 2.60
C TYR B 247 -11.75 4.84 3.95
N GLY B 248 -12.37 4.28 4.98
CA GLY B 248 -12.45 4.90 6.30
C GLY B 248 -12.10 3.91 7.41
N PRO B 249 -12.60 4.16 8.64
CA PRO B 249 -12.31 3.27 9.77
C PRO B 249 -12.83 1.83 9.62
N GLU B 250 -13.81 1.65 8.75
CA GLU B 250 -14.36 0.33 8.42
C GLU B 250 -13.32 -0.71 8.00
N VAL B 251 -12.20 -0.30 7.41
CA VAL B 251 -11.15 -1.25 7.00
C VAL B 251 -10.60 -2.06 8.18
N ASP B 252 -10.56 -1.44 9.36
CA ASP B 252 -10.10 -2.12 10.57
C ASP B 252 -11.01 -3.24 11.03
N ILE B 253 -12.30 -3.09 10.73
CA ILE B 253 -13.33 -4.04 11.14
C ILE B 253 -13.26 -5.31 10.27
N TRP B 254 -13.03 -5.13 8.97
CA TRP B 254 -12.76 -6.22 8.07
C TRP B 254 -11.54 -6.99 8.58
N SER B 255 -10.45 -6.27 8.79
CA SER B 255 -9.20 -6.87 9.26
C SER B 255 -9.39 -7.65 10.55
N LEU B 256 -10.23 -7.11 11.44
CA LEU B 256 -10.61 -7.80 12.68
C LEU B 256 -11.36 -9.08 12.37
N GLY B 257 -12.24 -9.03 11.37
CA GLY B 257 -12.92 -10.22 10.87
C GLY B 257 -11.98 -11.29 10.36
N ILE B 258 -10.94 -10.86 9.65
CA ILE B 258 -9.89 -11.78 9.20
C ILE B 258 -9.13 -12.37 10.40
N MET B 259 -8.92 -11.57 11.43
CA MET B 259 -8.29 -12.05 12.66
C MET B 259 -9.16 -13.07 13.40
N VAL B 260 -10.48 -12.92 13.34
CA VAL B 260 -11.38 -13.92 13.92
C VAL B 260 -11.27 -15.22 13.13
N ILE B 261 -11.11 -15.15 11.81
CA ILE B 261 -10.80 -16.35 11.03
C ILE B 261 -9.48 -16.99 11.47
N GLU B 262 -8.45 -16.17 11.74
CA GLU B 262 -7.19 -16.69 12.32
C GLU B 262 -7.44 -17.51 13.58
N MET B 263 -8.26 -16.97 14.49
CA MET B 263 -8.48 -17.58 15.81
C MET B 263 -9.27 -18.88 15.78
N VAL B 264 -10.08 -19.08 14.74
CA VAL B 264 -10.90 -20.28 14.55
C VAL B 264 -10.26 -21.32 13.61
N ASP B 265 -9.70 -20.88 12.49
CA ASP B 265 -9.13 -21.76 11.47
C ASP B 265 -7.59 -21.81 11.46
N GLY B 266 -6.94 -20.96 12.26
CA GLY B 266 -5.48 -20.98 12.42
C GLY B 266 -4.71 -20.00 11.56
N GLU B 267 -5.30 -19.58 10.44
CA GLU B 267 -4.63 -18.72 9.48
C GLU B 267 -5.64 -17.90 8.68
N PRO B 268 -5.20 -16.81 8.06
CA PRO B 268 -6.17 -16.03 7.28
C PRO B 268 -6.57 -16.76 5.99
N PRO B 269 -7.68 -16.35 5.36
CA PRO B 269 -8.05 -16.93 4.08
C PRO B 269 -6.94 -16.75 3.04
N TYR B 270 -6.81 -17.73 2.14
CA TYR B 270 -5.91 -17.67 0.99
C TYR B 270 -4.42 -17.63 1.39
N PHE B 271 -4.08 -18.17 2.55
CA PHE B 271 -2.74 -18.03 3.12
C PHE B 271 -1.68 -18.87 2.38
N ASN B 272 -2.09 -20.07 1.97
CA ASN B 272 -1.25 -20.92 1.11
C ASN B 272 -0.98 -20.36 -0.31
N GLU B 273 -1.67 -19.29 -0.71
CA GLU B 273 -1.38 -18.61 -1.98
C GLU B 273 -0.35 -17.51 -1.74
N PRO B 274 0.31 -17.02 -2.82
CA PRO B 274 1.18 -15.85 -2.66
C PRO B 274 0.37 -14.58 -2.37
N PRO B 275 1.00 -13.59 -1.70
CA PRO B 275 0.27 -12.40 -1.20
C PRO B 275 -0.51 -11.61 -2.25
N LEU B 276 0.05 -11.48 -3.44
CA LEU B 276 -0.56 -10.65 -4.48
C LEU B 276 -1.76 -11.32 -5.12
N LYS B 277 -1.71 -12.65 -5.25
CA LYS B 277 -2.84 -13.40 -5.78
C LYS B 277 -3.97 -13.46 -4.75
N ALA B 278 -3.62 -13.64 -3.48
CA ALA B 278 -4.59 -13.54 -2.36
C ALA B 278 -5.34 -12.22 -2.34
N MET B 279 -4.64 -11.12 -2.62
CA MET B 279 -5.26 -9.79 -2.64
C MET B 279 -6.29 -9.67 -3.76
N LYS B 280 -5.95 -10.20 -4.93
CA LYS B 280 -6.89 -10.28 -6.05
C LYS B 280 -8.12 -11.10 -5.64
N MET B 281 -7.88 -12.21 -4.96
CA MET B 281 -8.98 -13.05 -4.47
C MET B 281 -9.87 -12.31 -3.46
N ILE B 282 -9.25 -11.60 -2.52
CA ILE B 282 -9.99 -10.79 -1.54
C ILE B 282 -10.80 -9.71 -2.24
N ARG B 283 -10.20 -9.09 -3.25
CA ARG B 283 -10.82 -8.00 -4.01
C ARG B 283 -12.02 -8.45 -4.82
N ASP B 284 -11.90 -9.59 -5.50
CA ASP B 284 -12.92 -10.02 -6.47
C ASP B 284 -13.97 -10.96 -5.89
N ASN B 285 -13.60 -11.78 -4.91
CA ASN B 285 -14.50 -12.81 -4.37
C ASN B 285 -15.44 -12.30 -3.30
N LEU B 286 -16.46 -13.10 -3.02
CA LEU B 286 -17.38 -12.86 -1.92
C LEU B 286 -16.61 -13.07 -0.60
N PRO B 287 -17.18 -12.60 0.53
CA PRO B 287 -16.38 -12.68 1.75
C PRO B 287 -16.00 -14.11 2.10
N PRO B 288 -14.82 -14.31 2.68
CA PRO B 288 -14.36 -15.65 2.97
C PRO B 288 -15.11 -16.27 4.15
N ARG B 289 -15.14 -17.59 4.18
CA ARG B 289 -15.88 -18.34 5.18
C ARG B 289 -14.97 -19.03 6.16
N LEU B 290 -15.49 -19.27 7.37
CA LEU B 290 -14.84 -20.15 8.32
C LEU B 290 -14.82 -21.58 7.75
N LYS B 291 -13.67 -22.21 7.78
CA LYS B 291 -13.55 -23.62 7.41
C LYS B 291 -14.07 -24.58 8.50
N ASN B 292 -13.71 -24.34 9.77
CA ASN B 292 -14.17 -25.16 10.89
C ASN B 292 -15.59 -24.80 11.35
N LEU B 293 -16.57 -25.02 10.47
CA LEU B 293 -17.96 -24.67 10.75
C LEU B 293 -18.57 -25.58 11.80
N HIS B 294 -18.16 -26.84 11.78
CA HIS B 294 -18.42 -27.79 12.88
C HIS B 294 -18.08 -27.29 14.31
N LYS B 295 -17.06 -26.44 14.45
CA LYS B 295 -16.64 -25.95 15.78
C LYS B 295 -17.15 -24.56 16.19
N VAL B 296 -18.20 -24.05 15.53
CA VAL B 296 -18.58 -22.63 15.68
C VAL B 296 -20.07 -22.43 16.00
N SER B 297 -20.34 -21.51 16.94
CA SER B 297 -21.71 -21.14 17.33
C SER B 297 -22.40 -20.24 16.31
N PRO B 298 -23.75 -20.23 16.32
CA PRO B 298 -24.50 -19.19 15.57
C PRO B 298 -24.19 -17.76 16.06
N SER B 299 -23.84 -17.63 17.34
CA SER B 299 -23.39 -16.36 17.93
C SER B 299 -22.12 -15.84 17.25
N LEU B 300 -21.13 -16.71 17.11
CA LEU B 300 -19.86 -16.38 16.47
C LEU B 300 -20.05 -16.12 14.97
N LYS B 301 -20.76 -17.01 14.29
CA LYS B 301 -21.10 -16.81 12.87
C LYS B 301 -21.84 -15.51 12.62
N GLY B 302 -22.76 -15.16 13.50
CA GLY B 302 -23.47 -13.89 13.41
C GLY B 302 -22.54 -12.70 13.60
N PHE B 303 -21.62 -12.82 14.54
CA PHE B 303 -20.59 -11.82 14.77
C PHE B 303 -19.74 -11.61 13.52
N LEU B 304 -19.16 -12.69 13.02
CA LEU B 304 -18.26 -12.64 11.88
C LEU B 304 -18.91 -12.08 10.62
N ASP B 305 -20.20 -12.36 10.42
CA ASP B 305 -20.99 -11.78 9.33
C ASP B 305 -21.15 -10.27 9.39
N ARG B 306 -21.06 -9.67 10.58
CA ARG B 306 -21.03 -8.21 10.69
C ARG B 306 -19.67 -7.60 10.36
N LEU B 307 -18.61 -8.40 10.46
CA LEU B 307 -17.25 -7.93 10.19
C LEU B 307 -16.93 -8.06 8.72
N LEU B 308 -17.17 -9.24 8.16
CA LEU B 308 -16.81 -9.51 6.78
C LEU B 308 -17.94 -9.18 5.79
N VAL B 309 -18.24 -7.89 5.66
CA VAL B 309 -19.22 -7.37 4.71
C VAL B 309 -18.43 -6.58 3.66
N ARG B 310 -18.61 -6.89 2.38
CA ARG B 310 -17.85 -6.23 1.32
C ARG B 310 -18.14 -4.74 1.29
N ASP B 311 -19.43 -4.39 1.34
CA ASP B 311 -19.85 -2.99 1.35
C ASP B 311 -19.48 -2.38 2.70
N PRO B 312 -18.46 -1.48 2.72
CA PRO B 312 -18.06 -0.79 3.96
C PRO B 312 -19.21 -0.11 4.74
N ALA B 313 -20.18 0.42 4.00
CA ALA B 313 -21.35 1.09 4.56
C ALA B 313 -22.23 0.21 5.44
N GLN B 314 -22.26 -1.09 5.16
CA GLN B 314 -23.08 -2.07 5.91
C GLN B 314 -22.26 -2.95 6.86
N ARG B 315 -20.95 -2.78 6.86
CA ARG B 315 -20.10 -3.41 7.85
C ARG B 315 -20.43 -2.70 9.17
N ALA B 316 -20.46 -3.45 10.28
CA ALA B 316 -20.71 -2.88 11.59
C ALA B 316 -19.56 -1.96 12.01
N THR B 317 -19.86 -0.94 12.81
CA THR B 317 -18.84 -0.08 13.44
C THR B 317 -18.37 -0.72 14.72
N ALA B 318 -17.26 -0.24 15.27
CA ALA B 318 -16.74 -0.76 16.54
C ALA B 318 -17.74 -0.58 17.68
N ALA B 319 -18.28 0.63 17.80
CA ALA B 319 -19.29 0.94 18.80
C ALA B 319 -20.52 0.05 18.70
N GLU B 320 -20.98 -0.21 17.47
CA GLU B 320 -22.09 -1.12 17.23
C GLU B 320 -21.76 -2.54 17.68
N LEU B 321 -20.54 -2.99 17.40
CA LEU B 321 -20.10 -4.33 17.73
C LEU B 321 -19.87 -4.57 19.22
N LEU B 322 -19.53 -3.53 19.98
CA LEU B 322 -19.41 -3.66 21.45
C LEU B 322 -20.69 -4.15 22.12
N LYS B 323 -21.83 -3.86 21.51
CA LYS B 323 -23.14 -4.33 22.00
C LYS B 323 -23.56 -5.72 21.49
N HIS B 324 -22.76 -6.38 20.66
CA HIS B 324 -23.12 -7.67 20.08
C HIS B 324 -23.18 -8.83 21.12
N PRO B 325 -24.10 -9.82 20.96
CA PRO B 325 -24.24 -10.89 21.97
C PRO B 325 -23.05 -11.83 22.13
N PHE B 326 -22.43 -12.22 21.03
CA PHE B 326 -21.14 -12.95 21.06
C PHE B 326 -20.15 -12.45 22.11
N LEU B 327 -20.01 -11.13 22.26
CA LEU B 327 -19.11 -10.52 23.26
C LEU B 327 -19.57 -10.70 24.71
N ALA B 328 -20.86 -10.95 24.92
CA ALA B 328 -21.35 -11.36 26.25
C ALA B 328 -20.71 -12.68 26.75
N LYS B 329 -20.23 -13.50 25.83
CA LYS B 329 -19.44 -14.72 26.14
C LYS B 329 -18.03 -14.45 26.65
N ALA B 330 -17.54 -13.22 26.55
CA ALA B 330 -16.15 -12.90 26.85
C ALA B 330 -15.76 -13.37 28.25
N GLY B 331 -14.74 -14.23 28.31
CA GLY B 331 -14.10 -14.57 29.55
C GLY B 331 -13.23 -13.40 30.01
N PRO B 332 -12.79 -13.43 31.28
CA PRO B 332 -11.89 -12.40 31.78
C PRO B 332 -10.44 -12.63 31.30
N PRO B 333 -9.54 -11.68 31.60
CA PRO B 333 -8.11 -11.84 31.36
C PRO B 333 -7.56 -13.25 31.62
N ALA B 334 -7.86 -13.82 32.79
CA ALA B 334 -7.32 -15.12 33.21
C ALA B 334 -7.46 -16.25 32.18
N SER B 335 -8.59 -16.32 31.49
CA SER B 335 -8.90 -17.44 30.57
C SER B 335 -7.94 -17.59 29.37
N ILE B 336 -7.24 -16.52 29.02
CA ILE B 336 -6.25 -16.52 27.94
C ILE B 336 -4.86 -17.04 28.40
N VAL B 337 -4.60 -17.04 29.71
CA VAL B 337 -3.27 -17.41 30.24
C VAL B 337 -2.82 -18.86 29.91
N PRO B 338 -3.72 -19.85 30.04
CA PRO B 338 -3.33 -21.22 29.66
C PRO B 338 -2.79 -21.39 28.24
N LEU B 339 -3.35 -20.64 27.28
CA LEU B 339 -2.95 -20.71 25.87
C LEU B 339 -1.52 -20.23 25.59
N MET B 340 -0.96 -19.40 26.48
CA MET B 340 0.41 -18.90 26.30
C MET B 340 1.47 -20.02 26.27
N ARG B 341 2.55 -19.78 25.53
CA ARG B 341 3.59 -20.79 25.25
C ARG B 341 4.19 -21.41 26.52
N GLN B 342 4.31 -20.60 27.57
CA GLN B 342 4.75 -21.08 28.87
C GLN B 342 3.89 -22.26 29.38
N ASN B 343 2.57 -22.13 29.27
CA ASN B 343 1.62 -23.11 29.81
C ASN B 343 1.04 -23.97 28.70
N GLN C 2 9.75 -11.43 -10.44
CA GLN C 2 9.87 -11.86 -11.87
C GLN C 2 9.94 -10.64 -12.84
N THR C 3 8.89 -10.36 -13.64
CA THR C 3 8.96 -9.35 -14.72
C THR C 3 7.60 -8.76 -15.09
N ILE C 4 7.49 -7.43 -15.03
CA ILE C 4 6.29 -6.70 -15.43
C ILE C 4 6.56 -5.94 -16.72
N LYS C 5 5.68 -6.12 -17.71
CA LYS C 5 5.74 -5.37 -18.95
C LYS C 5 4.72 -4.23 -18.92
N CYS C 6 5.19 -3.00 -19.13
CA CYS C 6 4.35 -1.82 -19.11
C CYS C 6 4.56 -1.01 -20.38
N VAL C 7 3.53 -0.91 -21.23
CA VAL C 7 3.59 -0.13 -22.46
C VAL C 7 2.93 1.22 -22.24
N VAL C 8 3.54 2.28 -22.76
CA VAL C 8 3.07 3.66 -22.61
C VAL C 8 2.66 4.19 -23.98
N VAL C 9 1.37 4.44 -24.19
CA VAL C 9 0.86 4.99 -25.46
C VAL C 9 0.10 6.28 -25.22
N GLY C 10 -0.10 7.03 -26.30
CA GLY C 10 -0.87 8.28 -26.26
C GLY C 10 -0.56 9.15 -27.45
N ASP C 11 -1.34 10.22 -27.64
CA ASP C 11 -1.04 11.20 -28.68
C ASP C 11 0.43 11.70 -28.61
N GLY C 12 0.95 12.16 -29.74
CA GLY C 12 2.27 12.78 -29.79
C GLY C 12 2.35 14.04 -28.94
N ALA C 13 3.57 14.43 -28.62
CA ALA C 13 3.91 15.53 -27.69
C ALA C 13 3.34 15.45 -26.24
N VAL C 14 2.63 14.37 -25.88
CA VAL C 14 1.88 14.31 -24.61
C VAL C 14 2.79 14.24 -23.38
N GLY C 15 3.97 13.64 -23.53
CA GLY C 15 4.97 13.55 -22.45
C GLY C 15 5.21 12.14 -21.93
N LYS C 16 5.26 11.18 -22.84
CA LYS C 16 5.44 9.76 -22.50
C LYS C 16 6.90 9.44 -22.21
N THR C 17 7.81 9.94 -23.03
CA THR C 17 9.24 9.72 -22.84
C THR C 17 9.74 10.43 -21.58
N CYS C 18 9.38 11.71 -21.44
CA CYS C 18 9.80 12.52 -20.29
C CYS C 18 9.32 11.95 -18.97
N LEU C 19 8.09 11.43 -18.96
CA LEU C 19 7.55 10.64 -17.86
C LEU C 19 8.49 9.48 -17.49
N LEU C 20 8.87 8.69 -18.49
CA LEU C 20 9.70 7.50 -18.29
C LEU C 20 11.13 7.80 -17.88
N ILE C 21 11.73 8.83 -18.48
CA ILE C 21 13.11 9.22 -18.18
C ILE C 21 13.21 9.90 -16.80
N SER C 22 12.21 10.69 -16.42
CA SER C 22 12.16 11.31 -15.10
C SER C 22 11.99 10.27 -13.97
N TYR C 23 11.14 9.27 -14.22
CA TYR C 23 10.96 8.14 -13.29
C TYR C 23 12.22 7.31 -13.13
N THR C 24 12.78 6.86 -14.25
CA THR C 24 13.89 5.91 -14.24
C THR C 24 15.24 6.52 -13.86
N THR C 25 15.49 7.78 -14.24
CA THR C 25 16.81 8.43 -14.05
C THR C 25 16.84 9.81 -13.33
N ASN C 26 15.68 10.37 -12.98
CA ASN C 26 15.56 11.73 -12.39
C ASN C 26 16.21 12.84 -13.24
N LYS C 27 15.93 12.82 -14.54
CA LYS C 27 16.37 13.84 -15.50
C LYS C 27 15.21 14.20 -16.44
N PHE C 28 15.20 15.44 -16.92
CA PHE C 28 14.23 15.89 -17.92
C PHE C 28 14.97 16.04 -19.25
N PRO C 29 14.43 15.46 -20.35
CA PRO C 29 15.02 15.78 -21.66
C PRO C 29 14.57 17.17 -22.11
N SER C 30 15.52 18.11 -22.17
CA SER C 30 15.23 19.52 -22.45
C SER C 30 14.50 19.73 -23.79
N GLU C 31 14.95 19.01 -24.81
CA GLU C 31 14.40 19.12 -26.17
C GLU C 31 13.17 18.23 -26.32
N TYR C 32 12.54 18.30 -27.50
CA TYR C 32 11.48 17.36 -27.89
C TYR C 32 11.91 16.60 -29.13
N VAL C 33 12.26 15.32 -28.95
CA VAL C 33 12.53 14.39 -30.07
C VAL C 33 11.38 13.37 -30.14
N PRO C 34 10.76 13.21 -31.32
CA PRO C 34 9.83 12.09 -31.52
C PRO C 34 10.41 10.71 -31.20
N THR C 35 9.64 9.88 -30.51
CA THR C 35 10.02 8.50 -30.25
C THR C 35 9.61 7.66 -31.46
N VAL C 36 10.49 6.75 -31.89
CA VAL C 36 10.11 5.70 -32.84
C VAL C 36 9.75 4.46 -32.01
N PHE C 37 10.73 3.95 -31.27
CA PHE C 37 10.50 2.96 -30.23
C PHE C 37 11.73 2.91 -29.33
N ASP C 38 11.50 2.95 -28.02
CA ASP C 38 12.52 2.68 -27.00
C ASP C 38 11.97 1.67 -26.00
N ASN C 39 12.85 0.78 -25.54
CA ASN C 39 12.56 -0.15 -24.46
C ASN C 39 13.55 0.16 -23.34
N TYR C 40 13.03 0.37 -22.13
CA TYR C 40 13.88 0.50 -20.94
C TYR C 40 13.53 -0.62 -19.99
N ALA C 41 14.38 -0.80 -18.97
CA ALA C 41 14.08 -1.66 -17.83
C ALA C 41 14.61 -1.03 -16.55
N VAL C 42 13.90 -1.27 -15.46
CA VAL C 42 14.38 -0.95 -14.12
C VAL C 42 14.06 -2.12 -13.21
N THR C 43 14.78 -2.17 -12.09
CA THR C 43 14.43 -3.06 -10.99
C THR C 43 13.59 -2.25 -10.03
N VAL C 44 12.57 -2.90 -9.50
CA VAL C 44 11.68 -2.32 -8.50
C VAL C 44 11.52 -3.42 -7.45
N MET C 45 11.64 -3.02 -6.18
CA MET C 45 11.50 -3.95 -5.08
C MET C 45 10.04 -3.91 -4.68
N ILE C 46 9.41 -5.08 -4.61
CA ILE C 46 8.03 -5.18 -4.15
C ILE C 46 8.03 -6.11 -2.95
N GLY C 47 7.98 -5.51 -1.76
CA GLY C 47 8.07 -6.24 -0.51
C GLY C 47 9.37 -7.02 -0.36
N GLY C 48 10.49 -6.38 -0.71
CA GLY C 48 11.81 -7.02 -0.64
C GLY C 48 12.17 -8.00 -1.75
N GLU C 49 11.24 -8.26 -2.68
CA GLU C 49 11.45 -9.20 -3.79
C GLU C 49 11.62 -8.39 -5.08
N PRO C 50 12.71 -8.63 -5.84
CA PRO C 50 12.98 -7.83 -7.04
C PRO C 50 12.10 -8.20 -8.24
N TYR C 51 11.62 -7.18 -8.96
CA TYR C 51 10.95 -7.37 -10.25
C TYR C 51 11.63 -6.50 -11.28
N THR C 52 11.67 -6.98 -12.52
CA THR C 52 12.10 -6.15 -13.66
C THR C 52 10.85 -5.49 -14.24
N LEU C 53 10.84 -4.16 -14.24
CA LEU C 53 9.77 -3.39 -14.85
C LEU C 53 10.27 -3.04 -16.23
N GLY C 54 9.75 -3.73 -17.25
CA GLY C 54 10.05 -3.42 -18.65
C GLY C 54 9.13 -2.34 -19.16
N LEU C 55 9.70 -1.29 -19.74
CA LEU C 55 8.97 -0.10 -20.10
C LEU C 55 9.12 0.10 -21.59
N PHE C 56 8.00 0.15 -22.30
CA PHE C 56 7.98 0.15 -23.75
C PHE C 56 7.47 1.51 -24.16
N ASP C 57 8.38 2.37 -24.59
CA ASP C 57 8.06 3.73 -24.98
C ASP C 57 7.75 3.68 -26.46
N THR C 58 6.49 3.93 -26.81
CA THR C 58 6.04 3.79 -28.20
C THR C 58 5.79 5.15 -28.84
N ALA C 59 5.77 5.16 -30.17
CA ALA C 59 5.49 6.37 -30.94
C ALA C 59 4.02 6.77 -30.82
N GLY C 60 3.80 8.04 -30.51
CA GLY C 60 2.49 8.67 -30.58
C GLY C 60 2.19 9.15 -31.99
N LEU C 61 3.24 9.60 -32.70
CA LEU C 61 3.11 10.10 -34.07
C LEU C 61 2.59 9.06 -35.04
N GLU C 62 1.73 9.52 -35.94
CA GLU C 62 1.02 8.69 -36.90
C GLU C 62 1.97 8.05 -37.93
N ASP C 63 3.14 8.64 -38.14
CA ASP C 63 4.16 8.10 -39.06
C ASP C 63 4.54 6.65 -38.76
N TYR C 64 4.65 6.30 -37.47
CA TYR C 64 5.12 4.99 -37.04
C TYR C 64 4.01 4.08 -36.50
N ASP C 65 2.78 4.26 -36.98
CA ASP C 65 1.65 3.35 -36.68
C ASP C 65 1.97 1.89 -37.00
N ARG C 66 2.57 1.65 -38.17
CA ARG C 66 2.95 0.30 -38.63
C ARG C 66 3.68 -0.52 -37.56
N LEU C 67 4.46 0.18 -36.73
CA LEU C 67 5.34 -0.42 -35.75
C LEU C 67 4.71 -0.67 -34.37
N ARG C 68 3.90 0.29 -33.91
CA ARG C 68 3.44 0.36 -32.51
C ARG C 68 2.91 -0.94 -31.88
N PRO C 69 1.95 -1.64 -32.52
CA PRO C 69 1.35 -2.82 -31.88
C PRO C 69 2.26 -4.05 -31.78
N LEU C 70 3.43 -4.02 -32.41
CA LEU C 70 4.44 -5.06 -32.18
C LEU C 70 4.91 -5.08 -30.73
N SER C 71 4.78 -3.96 -30.03
CA SER C 71 4.97 -3.86 -28.57
C SER C 71 3.96 -4.59 -27.70
N TYR C 72 2.76 -4.88 -28.22
CA TYR C 72 1.62 -5.24 -27.38
C TYR C 72 1.56 -6.68 -26.85
N PRO C 73 2.08 -7.67 -27.60
CA PRO C 73 1.99 -9.04 -27.05
C PRO C 73 2.66 -9.21 -25.66
N GLN C 74 1.98 -9.91 -24.76
CA GLN C 74 2.46 -10.21 -23.39
C GLN C 74 2.45 -8.98 -22.45
N THR C 75 1.63 -7.98 -22.75
CA THR C 75 1.61 -6.75 -21.95
C THR C 75 0.85 -7.01 -20.66
N ASP C 76 1.45 -6.61 -19.54
CA ASP C 76 0.83 -6.76 -18.21
C ASP C 76 0.01 -5.56 -17.78
N VAL C 77 0.37 -4.36 -18.25
CA VAL C 77 -0.38 -3.13 -17.94
C VAL C 77 -0.05 -2.04 -18.96
N PHE C 78 -1.00 -1.16 -19.25
CA PHE C 78 -0.79 0.01 -20.14
C PHE C 78 -0.88 1.31 -19.35
N LEU C 79 -0.19 2.33 -19.83
CA LEU C 79 -0.42 3.70 -19.40
C LEU C 79 -0.92 4.39 -20.65
N VAL C 80 -2.19 4.77 -20.65
CA VAL C 80 -2.78 5.51 -21.76
C VAL C 80 -2.71 6.98 -21.41
N CYS C 81 -1.80 7.69 -22.04
CA CYS C 81 -1.44 9.04 -21.62
C CYS C 81 -2.19 10.11 -22.40
N PHE C 82 -2.68 11.11 -21.68
CA PHE C 82 -3.17 12.36 -22.26
C PHE C 82 -2.58 13.51 -21.44
N SER C 83 -2.11 14.56 -22.12
CA SER C 83 -1.73 15.80 -21.45
C SER C 83 -3.01 16.45 -20.95
N VAL C 84 -3.03 16.88 -19.69
CA VAL C 84 -4.22 17.55 -19.15
C VAL C 84 -4.43 18.99 -19.69
N VAL C 85 -3.48 19.50 -20.48
CA VAL C 85 -3.65 20.75 -21.24
C VAL C 85 -3.91 20.55 -22.74
N SER C 86 -4.21 19.32 -23.16
CA SER C 86 -4.65 19.01 -24.54
C SER C 86 -5.96 18.24 -24.53
N PRO C 87 -7.10 18.93 -24.80
CA PRO C 87 -8.38 18.21 -24.84
C PRO C 87 -8.45 17.17 -25.96
N SER C 88 -7.80 17.45 -27.09
CA SER C 88 -7.72 16.53 -28.23
C SER C 88 -7.10 15.18 -27.88
N SER C 89 -6.02 15.20 -27.09
CA SER C 89 -5.36 13.98 -26.62
C SER C 89 -6.22 13.20 -25.61
N PHE C 90 -6.98 13.93 -24.79
CA PHE C 90 -7.93 13.34 -23.83
C PHE C 90 -9.10 12.64 -24.52
N GLU C 91 -9.63 13.27 -25.58
CA GLU C 91 -10.69 12.66 -26.40
C GLU C 91 -10.17 11.45 -27.20
N ASN C 92 -8.89 11.48 -27.60
CA ASN C 92 -8.27 10.32 -28.28
C ASN C 92 -8.03 9.10 -27.38
N VAL C 93 -7.98 9.30 -26.05
CA VAL C 93 -8.03 8.16 -25.11
C VAL C 93 -9.29 7.33 -25.41
N LYS C 94 -10.44 8.02 -25.36
CA LYS C 94 -11.77 7.46 -25.63
C LYS C 94 -11.92 6.95 -27.07
N GLU C 95 -11.49 7.77 -28.03
CA GLU C 95 -11.77 7.54 -29.45
C GLU C 95 -10.85 6.53 -30.16
N LYS C 96 -9.61 6.40 -29.69
CA LYS C 96 -8.53 5.72 -30.45
C LYS C 96 -7.72 4.75 -29.58
N TRP C 97 -6.99 5.29 -28.61
CA TRP C 97 -6.01 4.52 -27.83
C TRP C 97 -6.59 3.29 -27.13
N VAL C 98 -7.69 3.49 -26.42
CA VAL C 98 -8.34 2.39 -25.69
C VAL C 98 -8.86 1.32 -26.66
N PRO C 99 -9.56 1.73 -27.76
CA PRO C 99 -9.91 0.76 -28.82
C PRO C 99 -8.73 -0.05 -29.34
N GLU C 100 -7.59 0.59 -29.54
CA GLU C 100 -6.35 -0.10 -29.97
C GLU C 100 -5.96 -1.21 -29.00
N ILE C 101 -5.80 -0.84 -27.73
CA ILE C 101 -5.28 -1.79 -26.73
C ILE C 101 -6.32 -2.84 -26.31
N THR C 102 -7.60 -2.46 -26.29
CA THR C 102 -8.71 -3.40 -26.08
C THR C 102 -8.74 -4.52 -27.14
N HIS C 103 -8.53 -4.14 -28.40
CA HIS C 103 -8.53 -5.08 -29.53
C HIS C 103 -7.38 -6.10 -29.44
N HIS C 104 -6.17 -5.58 -29.23
CA HIS C 104 -4.97 -6.42 -29.14
C HIS C 104 -4.85 -7.13 -27.79
N CYS C 105 -5.30 -6.50 -26.72
CA CYS C 105 -5.03 -6.97 -25.35
C CYS C 105 -6.24 -6.78 -24.42
N PRO C 106 -7.34 -7.52 -24.66
CA PRO C 106 -8.61 -7.26 -23.96
C PRO C 106 -8.65 -7.57 -22.44
N LYS C 107 -7.85 -8.55 -22.00
CA LYS C 107 -7.75 -8.89 -20.56
C LYS C 107 -6.71 -8.06 -19.80
N THR C 108 -6.02 -7.16 -20.50
CA THR C 108 -4.91 -6.41 -19.94
C THR C 108 -5.39 -5.12 -19.27
N PRO C 109 -5.14 -4.97 -17.95
CA PRO C 109 -5.55 -3.75 -17.25
C PRO C 109 -4.81 -2.51 -17.76
N PHE C 110 -5.46 -1.36 -17.66
CA PHE C 110 -4.84 -0.09 -18.07
C PHE C 110 -5.22 1.04 -17.14
N LEU C 111 -4.32 2.02 -17.03
CA LEU C 111 -4.53 3.20 -16.20
C LEU C 111 -4.56 4.40 -17.13
N LEU C 112 -5.40 5.38 -16.79
CA LEU C 112 -5.40 6.65 -17.50
C LEU C 112 -4.44 7.55 -16.78
N VAL C 113 -3.47 8.09 -17.50
CA VAL C 113 -2.42 8.93 -16.91
C VAL C 113 -2.52 10.34 -17.45
N GLY C 114 -2.95 11.27 -16.60
CA GLY C 114 -2.88 12.69 -16.91
C GLY C 114 -1.45 13.18 -16.72
N THR C 115 -0.86 13.74 -17.78
CA THR C 115 0.51 14.26 -17.74
C THR C 115 0.52 15.79 -17.83
N GLN C 116 1.67 16.39 -17.49
CA GLN C 116 1.86 17.85 -17.54
C GLN C 116 0.89 18.65 -16.65
N ILE C 117 0.59 18.14 -15.45
CA ILE C 117 -0.37 18.82 -14.55
C ILE C 117 0.14 20.18 -14.00
N ASP C 118 1.46 20.39 -13.99
CA ASP C 118 2.06 21.65 -13.55
C ASP C 118 1.78 22.86 -14.47
N LEU C 119 1.42 22.59 -15.74
CA LEU C 119 0.97 23.64 -16.66
C LEU C 119 -0.51 24.03 -16.50
N ARG C 120 -1.20 23.45 -15.51
CA ARG C 120 -2.54 23.90 -15.11
C ARG C 120 -2.52 25.31 -14.48
N ASP C 121 -1.37 25.70 -13.90
CA ASP C 121 -1.18 27.03 -13.33
C ASP C 121 -0.58 28.03 -14.34
N ASP C 122 0.27 27.55 -15.24
CA ASP C 122 0.97 28.38 -16.24
C ASP C 122 0.02 29.21 -17.13
N PRO C 123 0.10 30.55 -17.05
CA PRO C 123 -0.85 31.41 -17.79
C PRO C 123 -0.63 31.44 -19.32
N SER C 124 0.63 31.30 -19.75
CA SER C 124 0.99 31.23 -21.18
C SER C 124 0.09 30.28 -21.99
N THR C 125 -0.05 29.05 -21.50
CA THR C 125 -0.81 28.00 -22.18
C THR C 125 -2.33 28.10 -21.98
N ILE C 126 -2.76 28.61 -20.81
CA ILE C 126 -4.19 28.81 -20.50
C ILE C 126 -4.86 29.82 -21.44
N GLU C 127 -4.08 30.79 -21.94
CA GLU C 127 -4.58 31.77 -22.91
C GLU C 127 -5.03 31.12 -24.23
N LYS C 128 -4.26 30.15 -24.71
CA LYS C 128 -4.58 29.41 -25.95
C LYS C 128 -5.66 28.33 -25.74
N LEU C 129 -5.89 27.92 -24.50
CA LEU C 129 -7.08 27.15 -24.13
C LEU C 129 -8.31 28.05 -24.04
N ALA C 130 -8.13 29.26 -23.48
CA ALA C 130 -9.22 30.23 -23.31
C ALA C 130 -9.73 30.79 -24.63
N LYS C 131 -8.81 31.18 -25.51
CA LYS C 131 -9.17 31.76 -26.81
C LYS C 131 -9.79 30.75 -27.79
N ASN C 132 -9.34 29.50 -27.74
CA ASN C 132 -9.96 28.39 -28.49
C ASN C 132 -11.25 27.87 -27.84
N LYS C 133 -11.49 28.23 -26.57
CA LYS C 133 -12.76 28.00 -25.86
C LYS C 133 -13.08 26.52 -25.67
N ILE C 137 -8.53 19.65 -18.52
CA ILE C 137 -9.28 18.56 -17.90
C ILE C 137 -8.97 18.54 -16.40
N THR C 138 -10.00 18.28 -15.59
CA THR C 138 -9.88 18.19 -14.13
C THR C 138 -9.93 16.71 -13.69
N PRO C 139 -9.47 16.39 -12.46
CA PRO C 139 -9.52 15.02 -11.93
C PRO C 139 -10.89 14.35 -12.02
N GLU C 140 -11.94 15.11 -11.67
CA GLU C 140 -13.31 14.59 -11.68
C GLU C 140 -13.81 14.19 -13.08
N THR C 141 -13.36 14.89 -14.13
CA THR C 141 -13.71 14.56 -15.51
C THR C 141 -12.99 13.29 -16.00
N ALA C 142 -11.69 13.21 -15.70
CA ALA C 142 -10.87 12.06 -16.06
C ALA C 142 -11.24 10.80 -15.27
N GLU C 143 -11.56 10.98 -13.98
CA GLU C 143 -11.98 9.87 -13.11
C GLU C 143 -13.28 9.21 -13.58
N LYS C 144 -14.20 10.01 -14.10
CA LYS C 144 -15.42 9.49 -14.74
C LYS C 144 -15.06 8.63 -15.95
N LEU C 145 -14.23 9.19 -16.84
CA LEU C 145 -13.78 8.46 -18.03
C LEU C 145 -13.03 7.17 -17.66
N ALA C 146 -12.26 7.19 -16.58
CA ALA C 146 -11.58 5.99 -16.08
C ALA C 146 -12.56 4.90 -15.58
N ARG C 147 -13.58 5.31 -14.82
CA ARG C 147 -14.60 4.41 -14.30
C ARG C 147 -15.48 3.83 -15.44
N ASP C 148 -15.77 4.66 -16.44
CA ASP C 148 -16.53 4.23 -17.63
C ASP C 148 -15.80 3.19 -18.48
N LEU C 149 -14.48 3.29 -18.56
CA LEU C 149 -13.73 2.85 -19.74
C LEU C 149 -13.24 1.39 -19.96
N LYS C 150 -13.01 0.54 -18.95
CA LYS C 150 -13.00 0.78 -17.51
C LYS C 150 -11.55 0.63 -17.06
N ALA C 151 -10.84 1.75 -16.94
CA ALA C 151 -9.46 1.77 -16.45
C ALA C 151 -9.39 1.29 -15.01
N VAL C 152 -8.24 0.75 -14.62
CA VAL C 152 -8.02 0.30 -13.22
C VAL C 152 -8.29 1.50 -12.32
N LYS C 153 -7.60 2.60 -12.58
CA LYS C 153 -7.97 3.88 -12.00
C LYS C 153 -7.40 5.04 -12.81
N TYR C 154 -7.67 6.26 -12.36
CA TYR C 154 -7.04 7.47 -12.87
C TYR C 154 -5.91 7.89 -11.96
N VAL C 155 -4.79 8.28 -12.57
CA VAL C 155 -3.68 8.92 -11.87
C VAL C 155 -3.17 10.07 -12.73
N GLU C 156 -2.50 11.01 -12.10
CA GLU C 156 -1.93 12.15 -12.79
C GLU C 156 -0.63 12.60 -12.17
N CYS C 157 0.16 13.31 -12.97
CA CYS C 157 1.53 13.62 -12.60
C CYS C 157 2.15 14.68 -13.48
N SER C 158 3.31 15.18 -13.05
CA SER C 158 4.14 16.09 -13.83
C SER C 158 5.56 15.54 -13.87
N ALA C 159 6.07 15.31 -15.08
CA ALA C 159 7.43 14.79 -15.28
C ALA C 159 8.53 15.77 -14.87
N LEU C 160 8.21 17.07 -14.85
CA LEU C 160 9.17 18.11 -14.50
C LEU C 160 9.35 18.20 -12.98
N THR C 161 8.24 18.37 -12.27
CA THR C 161 8.25 18.49 -10.81
C THR C 161 8.16 17.15 -10.06
N GLN C 162 7.82 16.07 -10.78
CA GLN C 162 7.67 14.71 -10.24
C GLN C 162 6.48 14.51 -9.28
N ARG C 163 5.56 15.49 -9.23
CA ARG C 163 4.34 15.37 -8.41
C ARG C 163 3.52 14.16 -8.87
N GLY C 164 3.18 13.29 -7.93
CA GLY C 164 2.48 12.04 -8.23
C GLY C 164 3.13 11.13 -9.25
N LEU C 165 4.43 11.32 -9.55
CA LEU C 165 5.12 10.58 -10.61
C LEU C 165 5.32 9.13 -10.18
N LYS C 166 5.96 8.96 -9.01
CA LYS C 166 6.14 7.64 -8.41
C LYS C 166 4.82 6.89 -8.26
N ASN C 167 3.76 7.62 -7.91
CA ASN C 167 2.43 7.02 -7.74
C ASN C 167 1.83 6.45 -9.05
N VAL C 168 2.15 7.09 -10.19
CA VAL C 168 1.75 6.55 -11.50
C VAL C 168 2.22 5.10 -11.62
N PHE C 169 3.52 4.91 -11.45
CA PHE C 169 4.13 3.60 -11.62
C PHE C 169 3.78 2.66 -10.47
N ASP C 170 3.63 3.20 -9.25
CA ASP C 170 3.17 2.39 -8.12
C ASP C 170 1.82 1.73 -8.44
N GLU C 171 0.86 2.51 -8.93
CA GLU C 171 -0.48 1.96 -9.26
C GLU C 171 -0.44 1.06 -10.50
N ALA C 172 0.35 1.46 -11.51
CA ALA C 172 0.58 0.62 -12.69
C ALA C 172 1.12 -0.77 -12.32
N ILE C 173 2.11 -0.77 -11.43
CA ILE C 173 2.76 -1.99 -10.94
C ILE C 173 1.79 -2.89 -10.18
N LEU C 174 0.98 -2.30 -9.31
CA LEU C 174 -0.02 -3.06 -8.58
C LEU C 174 -1.07 -3.64 -9.55
N ALA C 175 -1.57 -2.80 -10.46
CA ALA C 175 -2.49 -3.23 -11.51
C ALA C 175 -2.00 -4.48 -12.26
N ALA C 176 -0.74 -4.46 -12.68
CA ALA C 176 -0.14 -5.59 -13.41
C ALA C 176 -0.12 -6.89 -12.62
N LEU C 177 0.27 -6.80 -11.34
CA LEU C 177 0.48 -7.99 -10.50
C LEU C 177 -0.78 -8.62 -9.93
N LEU C 178 -1.83 -7.81 -9.76
CA LEU C 178 -3.14 -8.32 -9.38
C LEU C 178 -3.81 -9.14 -10.50
N GLU C 179 -3.63 -8.71 -11.76
CA GLU C 179 -4.29 -9.29 -12.94
C GLU C 179 -3.29 -10.00 -13.85
PA ANP D . 6.57 -5.24 15.31
O1A ANP D . 5.75 -4.17 16.01
O2A ANP D . 5.91 -6.16 14.29
O3A ANP D . 7.82 -4.52 14.59
O5' ANP D . 7.27 -6.17 16.42
C5' ANP D . 8.23 -7.16 16.06
C4' ANP D . 8.33 -8.21 17.17
O4' ANP D . 8.56 -7.58 18.43
C3' ANP D . 7.06 -9.04 17.31
O3' ANP D . 7.40 -10.43 17.49
C2' ANP D . 6.37 -8.49 18.54
O2' ANP D . 5.67 -9.50 19.29
C1' ANP D . 7.51 -7.92 19.36
N9 ANP D . 7.09 -6.73 20.14
C8 ANP D . 6.79 -5.49 19.69
N7 ANP D . 6.45 -4.67 20.70
C5 ANP D . 6.54 -5.38 21.84
C6 ANP D . 6.32 -5.13 23.28
N6 ANP D . 5.94 -3.92 23.72
N1 ANP D . 6.52 -6.17 24.14
C2 ANP D . 6.92 -7.39 23.71
N3 ANP D . 7.13 -7.67 22.41
C4 ANP D . 6.97 -6.73 21.45
PG GNP E . 6.17 10.93 -29.19
O1G GNP E . 7.47 10.29 -28.94
O2G GNP E . 4.97 9.88 -28.97
O3G GNP E . 6.16 11.50 -30.70
N3B GNP E . 5.99 12.22 -28.04
PB GNP E . 6.07 11.90 -26.33
O1B GNP E . 7.17 10.75 -26.07
O2B GNP E . 4.75 11.47 -25.82
O3A GNP E . 6.44 13.28 -25.59
PA GNP E . 7.92 13.56 -25.04
O1A GNP E . 7.98 12.97 -23.65
O2A GNP E . 8.91 13.09 -26.09
O5' GNP E . 8.03 15.16 -24.94
C5' GNP E . 6.91 16.03 -25.00
C4' GNP E . 7.29 17.48 -24.68
O4' GNP E . 6.29 18.08 -23.86
C3' GNP E . 8.62 17.66 -23.94
O3' GNP E . 9.70 17.98 -24.81
C2' GNP E . 8.36 18.76 -22.93
O2' GNP E . 8.78 20.03 -23.41
C1' GNP E . 6.86 18.72 -22.72
N9 GNP E . 6.56 17.94 -21.49
C8 GNP E . 6.61 16.60 -21.37
N7 GNP E . 6.29 16.23 -20.10
C5 GNP E . 6.04 17.34 -19.40
C6 GNP E . 5.65 17.67 -18.00
O6 GNP E . 5.47 16.77 -17.16
N1 GNP E . 5.49 18.97 -17.67
C2 GNP E . 5.68 19.96 -18.57
N2 GNP E . 5.51 21.25 -18.20
N3 GNP E . 6.04 19.73 -19.87
C4 GNP E . 6.23 18.47 -20.32
MG MG F . 9.45 11.15 -27.25
#